data_7ZZJ
#
_entry.id   7ZZJ
#
_cell.length_a   63.056
_cell.length_b   75.056
_cell.length_c   118.775
_cell.angle_alpha   90.000
_cell.angle_beta   90.000
_cell.angle_gamma   90.000
#
_symmetry.space_group_name_H-M   'I 2 2 2'
#
loop_
_entity.id
_entity.type
_entity.pdbx_description
1 polymer 'NAD kinase 1'
2 non-polymer 'CITRIC ACID'
3 non-polymer (1~{R},23~{R},24~{S},25~{R})-14-[[(2~{R},3~{S},4~{R},5~{R})-5-(6-aminopurin-9-yl)-3,4-bis(oxidanyl)oxolan-2-yl]methyl]-7-azanyl-24,25-bis(oxidanyl)-26-oxa-2,4,6,9,14,17,21-heptazatetracyclo[21.2.1.0^{2,10}.0^{3,8}]hexacosa-3(8),4,6,9-tetraen-11-yne-16,20-dione
4 water water
#
_entity_poly.entity_id   1
_entity_poly.type   'polypeptide(L)'
_entity_poly.pdbx_seq_one_letter_code
;MKYMITSKGDEKSDLLRLNMIAGFGEYDMEYDDVEPEIVISIGGDGTFLSAFHQYEERLDEIAFIGIHTGHLGFYADWRP
AEADKLVKLLAKGEYQKVSYPLLKTTVKYGIGKKEATYLALNESTVKSSGGPFVVDVVINDIHFERFRGDGLCMSTPSGT
TAYNKSLGGALMHPSIEAMQLTEMASINNRVYRTIGSPLVFPKHHVVSLQPVNDKDFQISVDHLSILHRDVQEIRYEVSA
KKIHFARFRSFPFWRRVHDSFIEDLEHHHHHH
;
_entity_poly.pdbx_strand_id   A
#
loop_
_chem_comp.id
_chem_comp.type
_chem_comp.name
_chem_comp.formula
CIT non-polymer 'CITRIC ACID' 'C6 H8 O7'
KIT non-polymer (1~{R},23~{R},24~{S},25~{R})-14-[[(2~{R},3~{S},4~{R},5~{R})-5-(6-aminopurin-9-yl)-3,4-bis(oxidanyl)oxolan-2-yl]methyl]-7-azanyl-24,25-bis(oxidanyl)-26-oxa-2,4,6,9,14,17,21-heptazatetracyclo[21.2.1.0^{2,10}.0^{3,8}]hexacosa-3(8),4,6,9-tetraen-11-yne-16,20-dione 'C28 H33 N13 O8'
#
# COMPACT_ATOMS: atom_id res chain seq x y z
N MET A 1 -26.04 3.66 2.88
CA MET A 1 -25.48 4.75 3.68
C MET A 1 -24.66 5.70 2.80
N LYS A 2 -23.77 6.46 3.43
CA LYS A 2 -22.93 7.39 2.69
C LYS A 2 -21.85 6.64 1.93
N TYR A 3 -21.69 6.97 0.66
CA TYR A 3 -20.71 6.31 -0.20
C TYR A 3 -20.15 7.34 -1.19
N MET A 4 -19.04 6.98 -1.81
CA MET A 4 -18.53 7.71 -2.97
C MET A 4 -17.87 6.72 -3.92
N ILE A 5 -17.66 7.18 -5.16
CA ILE A 5 -17.08 6.35 -6.20
C ILE A 5 -16.01 7.17 -6.90
N THR A 6 -14.80 6.63 -6.97
CA THR A 6 -13.71 7.21 -7.74
C THR A 6 -13.56 6.41 -9.02
N SER A 7 -13.13 7.10 -10.09
CA SER A 7 -12.98 6.46 -11.39
C SER A 7 -11.57 6.68 -11.94
N LYS A 8 -11.06 5.66 -12.63
CA LYS A 8 -9.83 5.80 -13.40
C LYS A 8 -9.89 6.97 -14.37
N GLY A 9 -11.08 7.33 -14.82
CA GLY A 9 -11.22 8.49 -15.67
C GLY A 9 -11.26 8.21 -17.16
N ASP A 10 -11.28 6.96 -17.58
CA ASP A 10 -11.58 6.66 -18.97
C ASP A 10 -13.09 6.49 -19.16
N GLU A 11 -13.51 6.43 -20.43
CA GLU A 11 -14.94 6.31 -20.72
C GLU A 11 -15.56 5.13 -19.97
N LYS A 12 -14.93 3.96 -20.03
CA LYS A 12 -15.51 2.77 -19.41
C LYS A 12 -15.75 2.99 -17.92
N SER A 13 -14.75 3.48 -17.20
CA SER A 13 -14.90 3.65 -15.76
C SER A 13 -15.87 4.77 -15.42
N ASP A 14 -15.86 5.85 -16.19
CA ASP A 14 -16.78 6.96 -15.92
C ASP A 14 -18.23 6.54 -16.11
N LEU A 15 -18.51 5.79 -17.17
CA LEU A 15 -19.88 5.37 -17.43
C LEU A 15 -20.33 4.33 -16.41
N LEU A 16 -19.45 3.42 -16.05
CA LEU A 16 -19.77 2.47 -14.99
C LEU A 16 -20.11 3.20 -13.70
N ARG A 17 -19.31 4.22 -13.36
CA ARG A 17 -19.58 4.99 -12.14
C ARG A 17 -20.93 5.69 -12.22
N LEU A 18 -21.26 6.30 -13.36
CA LEU A 18 -22.56 6.96 -13.47
C LEU A 18 -23.71 5.95 -13.35
N ASN A 19 -23.54 4.75 -13.90
CA ASN A 19 -24.58 3.75 -13.82
C ASN A 19 -24.74 3.21 -12.40
N MET A 20 -23.64 3.07 -11.65
CA MET A 20 -23.77 2.64 -10.26
C MET A 20 -24.46 3.70 -9.42
N ILE A 21 -24.13 4.97 -9.66
CA ILE A 21 -24.77 6.06 -8.94
C ILE A 21 -26.26 6.09 -9.24
N ALA A 22 -26.62 5.89 -10.51
CA ALA A 22 -28.04 5.85 -10.86
C ALA A 22 -28.72 4.68 -10.15
N GLY A 23 -28.04 3.54 -10.04
CA GLY A 23 -28.65 2.42 -9.36
C GLY A 23 -28.74 2.63 -7.85
N PHE A 24 -27.70 3.23 -7.25
CA PHE A 24 -27.77 3.60 -5.85
C PHE A 24 -28.91 4.55 -5.56
N GLY A 25 -29.38 5.30 -6.56
CA GLY A 25 -30.49 6.21 -6.37
C GLY A 25 -31.80 5.55 -6.01
N GLU A 26 -31.93 4.24 -6.21
CA GLU A 26 -33.13 3.52 -5.83
C GLU A 26 -33.05 2.91 -4.44
N TYR A 27 -32.10 3.36 -3.61
CA TYR A 27 -31.93 2.85 -2.25
C TYR A 27 -31.65 4.01 -1.30
N ASP A 28 -31.69 3.70 0.00
CA ASP A 28 -31.33 4.67 1.04
C ASP A 28 -29.80 4.82 1.09
N MET A 29 -29.26 5.34 0.00
CA MET A 29 -27.84 5.60 -0.13
C MET A 29 -27.63 7.05 -0.53
N GLU A 30 -26.85 7.78 0.25
CA GLU A 30 -26.49 9.16 -0.07
C GLU A 30 -25.06 9.20 -0.61
N TYR A 31 -24.88 9.95 -1.70
CA TYR A 31 -23.55 10.19 -2.23
C TYR A 31 -22.89 11.30 -1.40
N ASP A 32 -21.73 10.98 -0.81
CA ASP A 32 -21.02 11.94 0.03
C ASP A 32 -19.54 11.59 -0.04
N ASP A 33 -18.77 12.42 -0.73
CA ASP A 33 -17.34 12.21 -0.84
C ASP A 33 -16.54 12.98 0.21
N VAL A 34 -17.22 13.57 1.19
CA VAL A 34 -16.53 14.15 2.34
C VAL A 34 -16.44 13.16 3.49
N GLU A 35 -17.56 12.57 3.89
CA GLU A 35 -17.59 11.58 4.98
C GLU A 35 -18.27 10.30 4.53
N PRO A 36 -17.78 9.67 3.47
CA PRO A 36 -18.32 8.37 3.06
C PRO A 36 -18.02 7.30 4.08
N GLU A 37 -18.90 6.29 4.12
CA GLU A 37 -18.61 5.05 4.83
C GLU A 37 -18.16 3.93 3.90
N ILE A 38 -18.49 4.04 2.61
CA ILE A 38 -18.08 3.09 1.60
C ILE A 38 -17.40 3.85 0.48
N VAL A 39 -16.19 3.43 0.10
CA VAL A 39 -15.46 4.04 -1.01
C VAL A 39 -15.28 2.97 -2.08
N ILE A 40 -15.82 3.25 -3.27
CA ILE A 40 -15.71 2.34 -4.41
C ILE A 40 -14.68 2.90 -5.36
N SER A 41 -13.74 2.06 -5.76
CA SER A 41 -12.70 2.43 -6.70
C SER A 41 -12.95 1.66 -7.99
N ILE A 42 -13.15 2.38 -9.08
CA ILE A 42 -13.36 1.78 -10.39
C ILE A 42 -12.15 2.09 -11.24
N GLY A 43 -11.31 1.09 -11.45
CA GLY A 43 -10.07 1.26 -12.17
C GLY A 43 -9.09 0.19 -11.72
N GLY A 44 -7.81 0.47 -11.94
CA GLY A 44 -6.76 -0.47 -11.60
C GLY A 44 -6.32 -0.33 -10.15
N ASP A 45 -5.18 -0.95 -9.87
CA ASP A 45 -4.61 -0.86 -8.53
C ASP A 45 -4.14 0.56 -8.24
N GLY A 46 -3.61 1.25 -9.26
CA GLY A 46 -3.24 2.64 -9.07
C GLY A 46 -4.43 3.50 -8.66
N THR A 47 -5.59 3.26 -9.28
CA THR A 47 -6.80 3.98 -8.88
C THR A 47 -7.19 3.62 -7.45
N PHE A 48 -7.07 2.35 -7.09
CA PHE A 48 -7.37 1.95 -5.72
C PHE A 48 -6.42 2.61 -4.73
N LEU A 49 -5.13 2.67 -5.05
CA LEU A 49 -4.17 3.31 -4.16
C LEU A 49 -4.48 4.80 -4.00
N SER A 50 -4.88 5.47 -5.09
CA SER A 50 -5.30 6.86 -4.98
C SER A 50 -6.48 7.02 -4.05
N ALA A 51 -7.44 6.09 -4.13
CA ALA A 51 -8.63 6.16 -3.27
C ALA A 51 -8.24 6.01 -1.81
N PHE A 52 -7.40 5.02 -1.51
CA PHE A 52 -6.90 4.84 -0.15
C PHE A 52 -6.28 6.13 0.38
N HIS A 53 -5.41 6.77 -0.42
CA HIS A 53 -4.73 7.98 0.05
C HIS A 53 -5.66 9.18 0.09
N GLN A 54 -6.70 9.19 -0.73
CA GLN A 54 -7.66 10.29 -0.65
C GLN A 54 -8.38 10.30 0.69
N TYR A 55 -8.50 9.15 1.36
CA TYR A 55 -9.26 9.07 2.60
C TYR A 55 -8.45 8.45 3.74
N GLU A 56 -7.14 8.64 3.74
CA GLU A 56 -6.33 7.94 4.75
C GLU A 56 -6.52 8.48 6.16
N GLU A 57 -7.24 9.59 6.34
CA GLU A 57 -7.48 10.11 7.67
C GLU A 57 -8.83 9.67 8.24
N ARG A 58 -9.62 8.91 7.48
CA ARG A 58 -10.88 8.33 7.94
C ARG A 58 -10.88 6.82 7.71
N LEU A 59 -9.72 6.18 7.90
CA LEU A 59 -9.61 4.77 7.58
C LEU A 59 -10.48 3.90 8.47
N ASP A 60 -10.67 4.28 9.73
CA ASP A 60 -11.46 3.43 10.62
C ASP A 60 -12.96 3.66 10.49
N GLU A 61 -13.39 4.52 9.58
CA GLU A 61 -14.81 4.74 9.33
C GLU A 61 -15.20 4.37 7.91
N ILE A 62 -14.32 3.71 7.18
CA ILE A 62 -14.49 3.49 5.75
C ILE A 62 -14.18 2.04 5.41
N ALA A 63 -15.04 1.42 4.59
CA ALA A 63 -14.75 0.13 4.01
C ALA A 63 -14.61 0.31 2.49
N PHE A 64 -13.54 -0.25 1.93
CA PHE A 64 -13.21 -0.06 0.53
C PHE A 64 -13.66 -1.25 -0.31
N ILE A 65 -13.97 -0.97 -1.59
CA ILE A 65 -14.31 -2.00 -2.57
C ILE A 65 -13.69 -1.57 -3.90
N GLY A 66 -13.03 -2.51 -4.58
CA GLY A 66 -12.45 -2.26 -5.89
C GLY A 66 -13.16 -3.02 -6.99
N ILE A 67 -13.46 -2.31 -8.07
CA ILE A 67 -13.98 -2.89 -9.31
C ILE A 67 -12.90 -2.70 -10.36
N HIS A 68 -12.49 -3.78 -11.03
CA HIS A 68 -11.37 -3.65 -11.95
C HIS A 68 -11.88 -3.50 -13.38
N THR A 69 -11.60 -2.33 -13.94
CA THR A 69 -11.63 -2.07 -15.37
C THR A 69 -10.23 -1.94 -15.95
N GLY A 70 -9.21 -1.89 -15.10
CA GLY A 70 -7.83 -1.78 -15.54
C GLY A 70 -7.28 -3.08 -16.11
N HIS A 71 -6.00 -3.33 -15.85
CA HIS A 71 -5.32 -4.47 -16.46
C HIS A 71 -5.22 -5.63 -15.48
N LEU A 72 -4.42 -5.47 -14.43
CA LEU A 72 -4.25 -6.52 -13.41
C LEU A 72 -5.33 -6.41 -12.35
N GLY A 73 -5.30 -5.32 -11.58
CA GLY A 73 -6.32 -5.06 -10.59
C GLY A 73 -6.23 -5.99 -9.39
N PHE A 74 -5.09 -5.99 -8.71
CA PHE A 74 -4.87 -6.95 -7.64
C PHE A 74 -5.81 -6.71 -6.45
N TYR A 75 -6.06 -5.46 -6.10
CA TYR A 75 -6.95 -5.13 -5.00
C TYR A 75 -8.44 -5.17 -5.38
N ALA A 76 -8.75 -5.53 -6.62
CA ALA A 76 -10.15 -5.54 -7.06
C ALA A 76 -10.82 -6.85 -6.68
N ASP A 77 -12.12 -6.77 -6.36
CA ASP A 77 -12.92 -7.96 -6.09
C ASP A 77 -14.03 -8.19 -7.09
N TRP A 78 -14.28 -7.26 -8.01
CA TRP A 78 -15.43 -7.35 -8.88
C TRP A 78 -15.05 -7.03 -10.31
N ARG A 79 -15.67 -7.73 -11.22
CA ARG A 79 -15.62 -7.36 -12.62
C ARG A 79 -16.75 -6.41 -12.92
N PRO A 80 -16.60 -5.56 -13.94
CA PRO A 80 -17.67 -4.61 -14.26
C PRO A 80 -19.01 -5.26 -14.48
N ALA A 81 -19.05 -6.50 -14.97
CA ALA A 81 -20.33 -7.14 -15.25
C ALA A 81 -21.16 -7.35 -13.99
N GLU A 82 -20.52 -7.44 -12.82
CA GLU A 82 -21.20 -7.68 -11.56
C GLU A 82 -21.54 -6.39 -10.81
N ALA A 83 -21.41 -5.23 -11.45
CA ALA A 83 -21.63 -3.98 -10.74
C ALA A 83 -23.06 -3.87 -10.22
N ASP A 84 -24.04 -4.34 -11.00
CA ASP A 84 -25.42 -4.30 -10.53
C ASP A 84 -25.61 -5.22 -9.34
N LYS A 85 -24.94 -6.38 -9.34
CA LYS A 85 -25.01 -7.29 -8.20
C LYS A 85 -24.39 -6.66 -6.97
N LEU A 86 -23.30 -5.91 -7.15
CA LEU A 86 -22.65 -5.23 -6.03
C LEU A 86 -23.54 -4.14 -5.45
N VAL A 87 -24.12 -3.30 -6.31
CA VAL A 87 -25.02 -2.25 -5.84
C VAL A 87 -26.09 -2.83 -4.92
N LYS A 88 -26.74 -3.91 -5.38
CA LYS A 88 -27.83 -4.51 -4.61
C LYS A 88 -27.32 -5.03 -3.26
N LEU A 89 -26.24 -5.81 -3.27
CA LEU A 89 -25.75 -6.40 -2.02
C LEU A 89 -25.25 -5.33 -1.07
N LEU A 90 -24.55 -4.32 -1.59
CA LEU A 90 -24.12 -3.20 -0.77
C LEU A 90 -25.31 -2.46 -0.18
N ALA A 91 -26.38 -2.30 -0.96
CA ALA A 91 -27.55 -1.56 -0.51
C ALA A 91 -28.00 -2.02 0.86
N LYS A 92 -28.36 -3.30 0.99
CA LYS A 92 -28.69 -3.86 2.29
C LYS A 92 -27.60 -3.55 3.31
N GLY A 93 -26.39 -4.03 3.05
CA GLY A 93 -25.34 -4.05 4.05
C GLY A 93 -25.19 -5.44 4.63
N GLU A 94 -24.87 -5.51 5.92
CA GLU A 94 -24.68 -6.79 6.62
C GLU A 94 -23.48 -7.54 6.07
N TYR A 95 -22.54 -6.82 5.47
CA TYR A 95 -21.36 -7.42 4.89
C TYR A 95 -20.30 -7.71 5.97
N GLN A 96 -19.32 -8.52 5.58
CA GLN A 96 -18.15 -8.76 6.41
C GLN A 96 -17.06 -7.75 6.09
N LYS A 97 -16.40 -7.24 7.13
CA LYS A 97 -15.27 -6.34 6.98
C LYS A 97 -13.99 -7.11 7.27
N VAL A 98 -13.00 -6.98 6.39
CA VAL A 98 -11.70 -7.61 6.52
C VAL A 98 -10.66 -6.50 6.61
N SER A 99 -9.67 -6.66 7.48
CA SER A 99 -8.66 -5.63 7.75
C SER A 99 -7.28 -6.12 7.36
N TYR A 100 -6.52 -5.29 6.64
CA TYR A 100 -5.13 -5.55 6.26
C TYR A 100 -4.19 -4.57 6.97
N PRO A 101 -2.98 -4.99 7.33
CA PRO A 101 -2.05 -4.08 8.01
C PRO A 101 -1.51 -3.02 7.07
N LEU A 102 -1.02 -1.94 7.67
CA LEU A 102 -0.44 -0.81 6.95
C LEU A 102 0.95 -0.49 7.50
N LEU A 103 1.71 0.28 6.74
CA LEU A 103 3.09 0.62 7.10
C LEU A 103 3.21 2.11 7.37
N LYS A 104 3.86 2.46 8.48
CA LYS A 104 4.12 3.85 8.82
C LYS A 104 5.57 4.17 8.54
N THR A 105 5.79 5.27 7.82
CA THR A 105 7.13 5.83 7.60
C THR A 105 7.18 7.19 8.30
N THR A 106 8.20 7.39 9.12
CA THR A 106 8.50 8.68 9.72
C THR A 106 9.81 9.19 9.17
N VAL A 107 9.83 10.44 8.72
CA VAL A 107 11.03 11.10 8.24
C VAL A 107 11.34 12.27 9.16
N LYS A 108 12.55 12.28 9.72
CA LYS A 108 13.01 13.33 10.62
C LYS A 108 14.12 14.13 9.95
N TYR A 109 14.19 15.42 10.28
CA TYR A 109 15.12 16.37 9.66
C TYR A 109 15.98 17.11 10.67
N GLY A 110 16.02 18.43 10.54
CA GLY A 110 16.80 19.27 11.42
C GLY A 110 16.74 20.74 11.07
N LYS A 114 11.64 18.55 13.14
CA LYS A 114 10.53 18.39 12.22
C LYS A 114 10.37 16.93 11.81
N GLU A 115 9.13 16.43 11.84
CA GLU A 115 8.82 15.07 11.44
C GLU A 115 7.72 15.08 10.40
N ALA A 116 7.84 14.25 9.38
CA ALA A 116 6.76 13.95 8.46
C ALA A 116 6.44 12.46 8.56
N THR A 117 5.16 12.14 8.62
CA THR A 117 4.76 10.74 8.60
C THR A 117 3.91 10.47 7.37
N TYR A 118 4.04 9.25 6.86
CA TYR A 118 3.30 8.78 5.70
C TYR A 118 2.77 7.39 5.99
N LEU A 119 1.62 7.07 5.41
CA LEU A 119 1.04 5.75 5.51
C LEU A 119 1.10 5.07 4.14
N ALA A 120 1.42 3.77 4.12
CA ALA A 120 1.54 3.03 2.87
C ALA A 120 0.67 1.78 2.90
N LEU A 121 0.00 1.52 1.78
CA LEU A 121 -0.75 0.28 1.56
C LEU A 121 0.08 -0.75 0.80
N ASN A 122 0.90 -0.30 -0.13
CA ASN A 122 1.81 -1.22 -0.80
C ASN A 122 3.21 -1.17 -0.16
N GLU A 123 3.92 -0.04 -0.28
CA GLU A 123 5.28 -0.06 0.24
C GLU A 123 5.81 1.36 0.35
N SER A 124 6.95 1.48 1.05
CA SER A 124 7.70 2.73 1.14
C SER A 124 9.13 2.43 0.75
N THR A 125 9.66 3.14 -0.23
CA THR A 125 11.01 2.87 -0.68
C THR A 125 11.85 4.12 -0.53
N VAL A 126 13.16 3.95 -0.57
CA VAL A 126 14.09 5.06 -0.37
C VAL A 126 15.26 4.85 -1.33
N LYS A 127 15.62 5.91 -2.04
CA LYS A 127 16.78 5.96 -2.92
C LYS A 127 17.47 7.29 -2.65
N SER A 128 18.67 7.45 -3.20
CA SER A 128 19.38 8.71 -3.04
C SER A 128 18.92 9.72 -4.08
N SER A 129 19.23 11.00 -3.84
CA SER A 129 18.81 12.07 -4.73
C SER A 129 19.64 12.11 -6.01
N GLY A 130 20.87 11.61 -5.98
CA GLY A 130 21.72 11.63 -7.16
C GLY A 130 22.99 10.85 -6.98
N GLY A 131 23.66 11.04 -5.83
CA GLY A 131 24.88 10.34 -5.53
C GLY A 131 24.64 8.92 -5.11
N PRO A 132 25.65 8.29 -4.50
CA PRO A 132 25.48 6.91 -4.04
C PRO A 132 24.63 6.83 -2.79
N PHE A 133 23.79 5.79 -2.74
CA PHE A 133 22.94 5.51 -1.59
C PHE A 133 23.72 4.69 -0.59
N VAL A 134 23.92 5.26 0.60
CA VAL A 134 24.57 4.58 1.73
C VAL A 134 23.80 4.95 2.99
N VAL A 135 23.24 3.96 3.67
CA VAL A 135 22.61 4.20 4.97
C VAL A 135 23.05 3.12 5.95
N ASP A 136 23.06 3.48 7.23
CA ASP A 136 23.16 2.50 8.30
C ASP A 136 21.77 2.01 8.67
N VAL A 137 21.63 0.71 8.80
CA VAL A 137 20.34 0.06 9.08
C VAL A 137 20.34 -0.35 10.55
N VAL A 138 19.41 0.21 11.32
CA VAL A 138 19.37 0.03 12.77
C VAL A 138 18.03 -0.59 13.14
N ILE A 139 18.05 -1.74 13.81
CA ILE A 139 16.85 -2.48 14.15
C ILE A 139 16.67 -2.43 15.67
N ASN A 140 15.58 -1.81 16.11
CA ASN A 140 15.34 -1.61 17.53
C ASN A 140 16.60 -1.10 18.24
N ASP A 141 17.21 -0.09 17.63
CA ASP A 141 18.33 0.66 18.17
C ASP A 141 19.65 -0.09 18.08
N ILE A 142 19.71 -1.27 17.46
CA ILE A 142 20.96 -2.00 17.33
C ILE A 142 21.42 -1.92 15.88
N HIS A 143 22.68 -1.53 15.68
CA HIS A 143 23.20 -1.39 14.34
CA HIS A 143 23.19 -1.38 14.34
C HIS A 143 23.33 -2.74 13.68
N PHE A 144 22.54 -2.97 12.62
CA PHE A 144 22.49 -4.25 11.95
C PHE A 144 23.42 -4.34 10.75
N GLU A 145 23.47 -3.32 9.90
CA GLU A 145 24.26 -3.42 8.68
C GLU A 145 24.43 -2.03 8.11
N ARG A 146 25.46 -1.87 7.27
CA ARG A 146 25.58 -0.69 6.41
C ARG A 146 25.22 -1.11 4.99
N PHE A 147 24.22 -0.45 4.41
CA PHE A 147 23.73 -0.81 3.08
C PHE A 147 24.26 0.15 2.02
N ARG A 148 24.86 -0.40 0.97
CA ARG A 148 25.34 0.37 -0.17
C ARG A 148 24.72 -0.25 -1.42
N GLY A 149 24.02 0.56 -2.20
CA GLY A 149 23.35 0.02 -3.37
C GLY A 149 22.35 1.02 -3.93
N ASP A 150 21.32 0.49 -4.60
CA ASP A 150 20.37 1.37 -5.27
C ASP A 150 19.33 1.92 -4.31
N GLY A 151 18.93 1.16 -3.31
CA GLY A 151 17.94 1.63 -2.36
C GLY A 151 17.30 0.46 -1.64
N LEU A 152 16.23 0.76 -0.92
CA LEU A 152 15.58 -0.21 -0.05
C LEU A 152 14.07 -0.07 -0.19
N CYS A 153 13.36 -1.17 0.08
CA CYS A 153 11.90 -1.22 -0.03
C CYS A 153 11.31 -1.87 1.20
N MET A 154 10.40 -1.17 1.87
CA MET A 154 9.65 -1.72 3.00
C MET A 154 8.18 -1.88 2.58
N SER A 155 7.67 -3.12 2.65
CA SER A 155 6.40 -3.51 2.09
C SER A 155 5.42 -3.92 3.19
N THR A 156 4.14 -3.60 3.00
CA THR A 156 3.09 -4.22 3.78
C THR A 156 2.91 -5.66 3.32
N PRO A 157 2.12 -6.45 4.06
CA PRO A 157 1.78 -7.78 3.57
C PRO A 157 1.05 -7.76 2.23
N SER A 158 0.00 -6.95 2.08
CA SER A 158 -0.64 -6.94 0.78
C SER A 158 0.25 -6.30 -0.29
N GLY A 159 1.24 -5.51 0.11
CA GLY A 159 2.23 -5.03 -0.84
C GLY A 159 3.26 -6.06 -1.24
N THR A 160 3.33 -7.20 -0.56
CA THR A 160 4.40 -8.12 -0.90
C THR A 160 4.27 -8.68 -2.30
N THR A 161 3.09 -8.59 -2.92
CA THR A 161 2.90 -9.06 -4.29
C THR A 161 3.24 -7.99 -5.32
N ALA A 162 3.63 -6.80 -4.90
CA ALA A 162 3.90 -5.69 -5.82
C ALA A 162 5.41 -5.55 -5.97
N TYR A 163 5.99 -4.35 -5.79
CA TYR A 163 7.42 -4.12 -5.95
C TYR A 163 8.25 -5.11 -5.16
N ASN A 164 7.84 -5.39 -3.92
CA ASN A 164 8.53 -6.37 -3.08
C ASN A 164 8.79 -7.67 -3.85
N LYS A 165 7.79 -8.14 -4.61
CA LYS A 165 7.92 -9.40 -5.32
C LYS A 165 9.01 -9.33 -6.38
N SER A 166 9.04 -8.24 -7.13
CA SER A 166 10.05 -8.04 -8.16
C SER A 166 11.46 -7.91 -7.57
N LEU A 167 11.57 -7.49 -6.33
CA LEU A 167 12.88 -7.42 -5.67
C LEU A 167 13.30 -8.73 -5.02
N GLY A 168 12.50 -9.78 -5.16
CA GLY A 168 12.85 -11.08 -4.60
C GLY A 168 12.27 -11.38 -3.24
N GLY A 169 11.36 -10.53 -2.75
CA GLY A 169 10.77 -10.74 -1.44
C GLY A 169 9.74 -11.87 -1.42
N ALA A 170 9.41 -12.27 -0.20
CA ALA A 170 8.44 -13.33 0.00
C ALA A 170 7.03 -12.76 -0.03
N LEU A 171 6.08 -13.55 -0.53
CA LEU A 171 4.67 -13.16 -0.51
C LEU A 171 4.10 -13.60 0.83
N MET A 172 3.46 -12.70 1.56
CA MET A 172 3.02 -13.05 2.90
C MET A 172 1.54 -12.74 3.07
N HIS A 173 0.84 -13.65 3.71
CA HIS A 173 -0.60 -13.52 3.91
C HIS A 173 -0.91 -12.27 4.72
N PRO A 174 -1.92 -11.48 4.32
CA PRO A 174 -2.19 -10.21 5.00
C PRO A 174 -2.73 -10.36 6.41
N SER A 175 -2.99 -11.57 6.90
CA SER A 175 -3.38 -11.71 8.29
C SER A 175 -2.19 -11.60 9.22
N ILE A 176 -0.97 -11.50 8.66
CA ILE A 176 0.25 -11.41 9.46
C ILE A 176 0.61 -9.93 9.61
N GLU A 177 0.65 -9.45 10.85
CA GLU A 177 0.97 -8.06 11.12
C GLU A 177 2.48 -7.90 11.07
N ALA A 178 3.00 -7.51 9.90
CA ALA A 178 4.43 -7.48 9.67
C ALA A 178 4.73 -6.48 8.57
N MET A 179 6.03 -6.21 8.41
CA MET A 179 6.54 -5.48 7.27
C MET A 179 7.78 -6.19 6.77
N GLN A 180 8.10 -6.01 5.49
CA GLN A 180 9.17 -6.77 4.88
C GLN A 180 10.12 -5.84 4.16
N LEU A 181 11.41 -5.95 4.49
CA LEU A 181 12.45 -5.10 3.94
C LEU A 181 13.23 -5.87 2.88
N THR A 182 13.27 -5.33 1.66
CA THR A 182 14.00 -5.94 0.56
C THR A 182 15.05 -4.98 0.02
N GLU A 183 16.16 -5.54 -0.47
CA GLU A 183 17.24 -4.73 -1.02
C GLU A 183 17.07 -4.53 -2.52
N MET A 184 17.49 -3.36 -3.01
CA MET A 184 17.67 -3.12 -4.44
C MET A 184 19.17 -3.06 -4.72
N ALA A 185 19.67 -4.05 -5.46
CA ALA A 185 21.03 -4.07 -5.98
C ALA A 185 22.05 -3.54 -5.00
N SER A 186 22.52 -4.37 -4.09
CA SER A 186 23.53 -3.97 -3.13
C SER A 186 24.90 -4.40 -3.60
N ILE A 187 25.90 -3.62 -3.21
CA ILE A 187 27.30 -4.03 -3.41
C ILE A 187 27.64 -5.11 -2.40
N ASN A 188 28.24 -6.19 -2.87
CA ASN A 188 28.73 -7.24 -1.98
C ASN A 188 30.08 -7.69 -2.51
N ASN A 189 31.13 -7.30 -1.80
CA ASN A 189 32.47 -7.72 -2.15
C ASN A 189 33.22 -7.90 -0.84
N ARG A 190 34.54 -7.88 -0.91
CA ARG A 190 35.35 -8.11 0.27
C ARG A 190 35.17 -7.02 1.32
N VAL A 191 34.80 -5.81 0.92
CA VAL A 191 34.76 -4.71 1.89
C VAL A 191 33.33 -4.36 2.27
N TYR A 192 32.38 -4.53 1.35
CA TYR A 192 30.99 -4.15 1.61
C TYR A 192 30.10 -5.38 1.61
N ARG A 193 29.32 -5.56 2.68
CA ARG A 193 28.44 -6.72 2.78
C ARG A 193 27.11 -6.32 3.40
N THR A 194 26.04 -6.87 2.84
CA THR A 194 24.69 -6.74 3.37
C THR A 194 24.16 -8.14 3.66
N ILE A 195 22.98 -8.20 4.29
CA ILE A 195 22.42 -9.50 4.62
C ILE A 195 21.89 -10.19 3.34
N GLY A 196 21.47 -9.40 2.35
CA GLY A 196 21.01 -9.94 1.08
C GLY A 196 19.56 -10.35 1.13
N SER A 197 19.25 -11.23 2.08
CA SER A 197 17.93 -11.81 2.20
C SER A 197 16.89 -10.75 2.56
N PRO A 198 15.64 -10.93 2.14
CA PRO A 198 14.55 -10.11 2.69
C PRO A 198 14.46 -10.31 4.19
N LEU A 199 13.97 -9.28 4.89
CA LEU A 199 13.77 -9.35 6.33
C LEU A 199 12.31 -9.06 6.63
N VAL A 200 11.71 -9.87 7.51
CA VAL A 200 10.30 -9.71 7.88
C VAL A 200 10.25 -9.37 9.36
N PHE A 201 9.66 -8.21 9.68
CA PHE A 201 9.58 -7.63 11.01
C PHE A 201 8.16 -7.71 11.56
N PRO A 202 8.00 -8.03 12.84
CA PRO A 202 6.67 -8.05 13.45
C PRO A 202 6.26 -6.64 13.87
N LYS A 203 5.03 -6.54 14.36
CA LYS A 203 4.59 -5.30 14.96
C LYS A 203 5.52 -4.89 16.08
N HIS A 204 5.68 -3.59 16.26
CA HIS A 204 6.44 -2.98 17.36
C HIS A 204 7.95 -3.03 17.13
N HIS A 205 8.44 -3.75 16.13
CA HIS A 205 9.83 -3.59 15.75
C HIS A 205 9.96 -2.31 14.93
N VAL A 206 11.04 -1.58 15.19
CA VAL A 206 11.31 -0.31 14.50
C VAL A 206 12.59 -0.45 13.70
N VAL A 207 12.50 -0.18 12.39
CA VAL A 207 13.65 -0.16 11.52
C VAL A 207 13.97 1.28 11.17
N SER A 208 15.22 1.68 11.38
CA SER A 208 15.66 3.06 11.21
C SER A 208 16.82 3.10 10.22
N LEU A 209 16.76 4.01 9.26
CA LEU A 209 17.82 4.20 8.28
C LEU A 209 18.51 5.51 8.62
N GLN A 210 19.83 5.44 8.83
CA GLN A 210 20.56 6.62 9.20
C GLN A 210 21.58 6.96 8.11
N PRO A 211 21.57 8.20 7.61
CA PRO A 211 22.52 8.58 6.56
C PRO A 211 23.96 8.52 7.06
N VAL A 212 24.86 8.20 6.13
CA VAL A 212 26.29 8.13 6.42
C VAL A 212 27.00 9.39 5.92
N ASN A 213 26.76 9.78 4.68
CA ASN A 213 27.31 11.02 4.14
C ASN A 213 26.22 11.90 3.56
N ASP A 214 25.77 11.61 2.35
CA ASP A 214 24.68 12.37 1.74
C ASP A 214 23.41 12.28 2.59
N LYS A 215 22.73 13.40 2.75
CA LYS A 215 21.53 13.46 3.57
C LYS A 215 20.25 13.66 2.76
N ASP A 216 20.32 13.66 1.43
CA ASP A 216 19.14 13.87 0.58
C ASP A 216 18.67 12.54 0.00
N PHE A 217 17.36 12.29 0.09
CA PHE A 217 16.80 11.02 -0.35
C PHE A 217 15.48 11.23 -1.07
N GLN A 218 15.19 10.32 -1.99
CA GLN A 218 13.92 10.26 -2.69
C GLN A 218 13.11 9.16 -2.01
N ILE A 219 12.02 9.53 -1.34
CA ILE A 219 11.19 8.58 -0.60
C ILE A 219 9.88 8.42 -1.36
N SER A 220 9.52 7.19 -1.73
CA SER A 220 8.35 6.94 -2.55
CA SER A 220 8.35 6.92 -2.56
C SER A 220 7.38 6.05 -1.77
N VAL A 221 6.20 6.61 -1.47
CA VAL A 221 5.16 5.92 -0.72
C VAL A 221 4.04 5.57 -1.68
N ASP A 222 3.83 4.29 -1.96
CA ASP A 222 2.82 3.90 -2.92
C ASP A 222 2.98 4.68 -4.22
N HIS A 223 4.22 4.78 -4.69
CA HIS A 223 4.55 5.37 -5.98
C HIS A 223 4.36 6.89 -6.04
N LEU A 224 4.12 7.56 -4.91
CA LEU A 224 4.25 9.01 -4.83
C LEU A 224 5.66 9.32 -4.32
N SER A 225 6.52 9.82 -5.20
CA SER A 225 7.93 10.01 -4.89
C SER A 225 8.18 11.47 -4.51
N ILE A 226 8.77 11.68 -3.34
CA ILE A 226 9.01 13.02 -2.80
C ILE A 226 10.49 13.14 -2.43
N LEU A 227 11.10 14.25 -2.79
CA LEU A 227 12.48 14.50 -2.39
C LEU A 227 12.50 15.11 -1.00
N HIS A 228 13.22 14.46 -0.08
CA HIS A 228 13.43 15.00 1.25
C HIS A 228 14.88 15.44 1.39
N ARG A 229 15.07 16.59 2.02
CA ARG A 229 16.40 17.16 2.19
C ARG A 229 16.79 17.19 3.66
N ASP A 230 18.09 17.03 3.92
CA ASP A 230 18.63 17.17 5.27
C ASP A 230 18.02 16.13 6.20
N VAL A 231 17.94 14.90 5.71
CA VAL A 231 17.30 13.83 6.46
C VAL A 231 18.25 13.31 7.54
N GLN A 232 17.75 13.21 8.77
CA GLN A 232 18.50 12.61 9.86
C GLN A 232 18.13 11.16 10.10
N GLU A 233 16.90 10.76 9.79
CA GLU A 233 16.43 9.42 10.09
C GLU A 233 15.17 9.11 9.30
N ILE A 234 15.04 7.87 8.84
CA ILE A 234 13.80 7.32 8.29
C ILE A 234 13.45 6.11 9.14
N ARG A 235 12.27 6.12 9.75
CA ARG A 235 11.83 5.05 10.64
C ARG A 235 10.62 4.37 10.06
N TYR A 236 10.67 3.04 10.01
CA TYR A 236 9.57 2.18 9.55
C TYR A 236 9.01 1.37 10.70
N GLU A 237 7.68 1.23 10.74
CA GLU A 237 7.05 0.35 11.71
C GLU A 237 5.65 0.01 11.22
N VAL A 238 5.17 -1.16 11.61
CA VAL A 238 3.79 -1.52 11.28
C VAL A 238 2.86 -0.51 11.91
N SER A 239 1.96 0.04 11.09
CA SER A 239 1.03 1.05 11.60
C SER A 239 0.04 0.43 12.58
N ALA A 240 -0.45 1.26 13.50
CA ALA A 240 -1.62 0.90 14.28
C ALA A 240 -2.90 1.02 13.46
N LYS A 241 -2.84 1.69 12.30
CA LYS A 241 -4.01 1.89 11.47
C LYS A 241 -4.13 0.76 10.47
N LYS A 242 -5.38 0.45 10.09
CA LYS A 242 -5.63 -0.64 9.18
C LYS A 242 -6.61 -0.16 8.10
N ILE A 243 -6.50 -0.77 6.93
CA ILE A 243 -7.47 -0.57 5.85
C ILE A 243 -8.54 -1.64 5.96
N HIS A 244 -9.79 -1.25 5.83
CA HIS A 244 -10.91 -2.18 5.94
C HIS A 244 -11.55 -2.37 4.57
N PHE A 245 -11.77 -3.63 4.21
CA PHE A 245 -12.42 -4.00 2.96
C PHE A 245 -13.82 -4.53 3.24
N ALA A 246 -14.77 -4.16 2.39
CA ALA A 246 -16.09 -4.78 2.40
C ALA A 246 -16.02 -6.04 1.55
N ARG A 247 -16.32 -7.19 2.16
CA ARG A 247 -16.30 -8.47 1.45
C ARG A 247 -17.70 -9.06 1.44
N PHE A 248 -18.18 -9.41 0.25
CA PHE A 248 -19.49 -10.01 0.07
C PHE A 248 -19.44 -11.48 -0.30
N ARG A 249 -18.25 -12.02 -0.55
CA ARG A 249 -18.08 -13.41 -0.95
C ARG A 249 -16.62 -13.77 -0.73
N SER A 250 -16.37 -15.05 -0.44
CA SER A 250 -15.02 -15.52 -0.22
C SER A 250 -14.18 -15.35 -1.47
N PHE A 251 -13.05 -14.64 -1.32
CA PHE A 251 -12.04 -14.53 -2.36
C PHE A 251 -10.70 -14.58 -1.63
N PRO A 252 -10.21 -15.77 -1.32
CA PRO A 252 -9.02 -15.88 -0.46
C PRO A 252 -7.80 -15.24 -1.09
N PHE A 253 -6.91 -14.77 -0.22
CA PHE A 253 -5.67 -14.15 -0.70
C PHE A 253 -4.90 -15.07 -1.64
N TRP A 254 -4.74 -16.34 -1.25
CA TRP A 254 -3.92 -17.23 -2.09
C TRP A 254 -4.61 -17.52 -3.41
N ARG A 255 -5.95 -17.46 -3.46
CA ARG A 255 -6.61 -17.55 -4.77
C ARG A 255 -6.40 -16.27 -5.56
N ARG A 256 -6.50 -15.12 -4.89
CA ARG A 256 -6.16 -13.86 -5.53
C ARG A 256 -4.75 -13.90 -6.10
N VAL A 257 -3.79 -14.47 -5.34
CA VAL A 257 -2.43 -14.61 -5.84
C VAL A 257 -2.40 -15.54 -7.04
N HIS A 258 -3.08 -16.69 -6.93
CA HIS A 258 -3.07 -17.63 -8.05
C HIS A 258 -3.63 -16.99 -9.31
N ASP A 259 -4.79 -16.33 -9.20
CA ASP A 259 -5.41 -15.71 -10.36
C ASP A 259 -4.52 -14.65 -10.98
N SER A 260 -3.72 -13.95 -10.18
CA SER A 260 -2.92 -12.81 -10.69
C SER A 260 -1.60 -13.25 -11.30
N PHE A 261 -1.04 -14.38 -10.87
CA PHE A 261 0.32 -14.77 -11.23
C PHE A 261 0.41 -16.14 -11.90
N ILE A 262 -0.53 -17.05 -11.68
CA ILE A 262 -0.39 -18.40 -12.24
C ILE A 262 -1.27 -18.51 -13.48
N GLU A 263 -2.56 -18.23 -13.35
CA GLU A 263 -3.47 -18.48 -14.46
C GLU A 263 -4.87 -17.99 -14.10
N ASP A 264 -5.64 -17.66 -15.13
CA ASP A 264 -7.00 -17.18 -14.91
C ASP A 264 -7.79 -17.09 -16.23
C1 CIT B . -8.23 -15.14 3.37
O1 CIT B . -7.22 -15.15 2.62
O2 CIT B . -8.77 -16.24 3.61
C2 CIT B . -8.80 -13.87 3.97
C3 CIT B . -9.45 -13.00 2.88
O7 CIT B . -9.96 -13.87 1.82
C4 CIT B . -10.57 -12.12 3.43
C5 CIT B . -11.94 -12.63 3.00
O3 CIT B . -12.84 -12.80 3.87
O4 CIT B . -12.20 -12.91 1.80
C6 CIT B . -8.38 -12.08 2.29
O5 CIT B . -7.56 -11.51 3.04
O6 CIT B . -8.31 -11.88 1.05
C1 CIT C . -0.68 0.34 -13.12
O1 CIT C . 0.57 0.42 -13.07
O2 CIT C . -1.25 -0.75 -12.85
C2 CIT C . -1.50 1.53 -13.49
C3 CIT C . -2.98 1.18 -13.36
O7 CIT C . -3.18 0.46 -12.12
C4 CIT C . -3.82 2.45 -13.35
C5 CIT C . -5.19 2.03 -12.92
O3 CIT C . -5.56 2.15 -11.73
O4 CIT C . -5.96 1.52 -13.76
C6 CIT C . -3.44 0.29 -14.52
O5 CIT C . -3.81 -0.89 -14.31
O6 CIT C . -3.46 0.72 -15.68
N1 KIT D . 8.26 -3.84 -10.41
C7 KIT D . 2.15 1.64 -8.16
C8 KIT D . 0.07 0.88 -9.26
N2 KIT D . 6.18 -3.31 -9.32
C9 KIT D . 0.04 -0.45 -8.64
O1 KIT D . 1.74 -4.03 -10.24
C1 KIT D . 7.07 -4.12 -9.89
O5 KIT D . -1.73 -3.86 -11.04
C5 KIT D . 4.71 -0.92 -8.10
C6 KIT D . 2.90 0.40 -7.74
N3 KIT D . 7.95 -0.23 -9.62
C4 KIT D . 6.83 0.10 -9.01
O4 KIT D . 0.32 -4.52 -12.77
C3 KIT D . 7.83 -1.59 -9.81
O3 KIT D . 2.38 3.58 -12.16
C2 KIT D . 6.63 -2.05 -9.31
N4 KIT D . 5.99 -0.94 -8.80
N KIT D . 9.88 -2.27 -10.89
C KIT D . 8.68 -2.55 -10.38
O KIT D . 3.82 -0.03 -8.75
C10 KIT D . 0.03 -1.59 -8.26
C11 KIT D . 0.01 -2.92 -7.70
C12 KIT D . -0.09 -4.59 -6.34
C13 KIT D . -0.16 -5.48 -5.25
C14 KIT D . 0.07 -7.20 -6.78
C15 KIT D . 0.07 -5.14 -7.60
C16 KIT D . 0.37 -4.22 -9.91
C17 KIT D . 1.83 -3.28 -11.48
C18 KIT D . 2.40 -1.96 -11.00
C19 KIT D . 4.05 -0.67 -12.28
C20 KIT D . 4.20 0.61 -13.04
C21 KIT D . 4.51 1.77 -12.12
C22 KIT D . 2.46 2.78 -11.23
C23 KIT D . 1.40 2.72 -10.15
C24 KIT D . 0.43 -3.29 -12.06
C25 KIT D . -0.45 -3.29 -10.81
C26 KIT D . 3.81 0.68 -6.55
C27 KIT D . 4.83 -0.46 -6.64
N10 KIT D . 0.16 -4.09 -8.48
N11 KIT D . 2.79 -1.05 -12.06
N12 KIT D . 3.48 1.93 -11.10
N5 KIT D . 1.40 1.47 -9.41
N6 KIT D . -0.13 -3.19 -6.40
N7 KIT D . -0.32 -5.10 -3.99
N8 KIT D . -0.07 -6.81 -5.51
N9 KIT D . 0.15 -6.45 -7.89
O2 KIT D . 5.02 -1.28 -11.82
O6 KIT D . 3.14 0.69 -5.29
O7 KIT D . 4.47 -1.52 -5.76
H13 KIT D . 2.87 2.44 -8.21
H12 KIT D . 1.51 1.93 -7.32
H15 KIT D . -0.41 0.84 -10.23
H14 KIT D . -0.56 1.57 -8.67
H10 KIT D . 6.79 -5.18 -9.95
H30 KIT D . -2.40 -3.13 -11.13
H KIT D . 4.25 -1.91 -8.21
H1 KIT D . 2.21 -0.44 -7.60
H11 KIT D . 6.60 1.13 -8.70
H29 KIT D . -0.26 -4.40 -13.57
H9 KIT D . 10.22 -1.31 -10.88
H8 KIT D . 10.46 -3.00 -11.29
H18 KIT D . 0.12 -8.27 -6.93
H2 KIT D . 0.19 -5.29 -10.12
H3 KIT D . 2.51 -3.76 -12.18
H20 KIT D . 1.66 -1.49 -10.35
H19 KIT D . 3.26 -2.18 -10.36
H22 KIT D . 4.97 0.51 -13.80
H23 KIT D . 3.31 0.81 -13.63
H24 KIT D . 5.47 1.62 -11.63
H25 KIT D . 4.62 2.69 -12.67
H27 KIT D . 1.53 3.58 -9.50
H28 KIT D . 0.43 2.91 -10.63
H4 KIT D . 0.17 -2.49 -12.76
H5 KIT D . -0.71 -2.31 -10.43
H6 KIT D . 4.27 1.67 -6.65
H7 KIT D . 5.84 -0.18 -6.35
H21 KIT D . 2.03 -0.72 -12.65
H26 KIT D . 3.56 1.35 -10.26
H17 KIT D . -0.36 -5.79 -3.24
H16 KIT D . -0.40 -4.11 -3.75
H31 KIT D . 3.74 1.12 -4.64
H32 KIT D . 5.17 -2.22 -5.80
#